data_7VRH
#
_entry.id   7VRH
#
_cell.length_a   113.083
_cell.length_b   55.473
_cell.length_c   67.792
_cell.angle_alpha   90.00
_cell.angle_beta   94.15
_cell.angle_gamma   90.00
#
_symmetry.space_group_name_H-M   'C 1 2 1'
#
loop_
_entity.id
_entity.type
_entity.pdbx_description
1 polymer 'Bromodomain-containing protein 2'
2 non-polymer 9-HYROXYETHOXYMETHYLGUANINE
3 non-polymer 2,3-DIHYDROXY-1,4-DITHIOBUTANE
4 non-polymer 'SULFATE ION'
5 water water
#
_entity_poly.entity_id   1
_entity_poly.type   'polypeptide(L)'
_entity_poly.pdbx_seq_one_letter_code
;GRVTNQLQYLHKVVMKALWKHQFAWPFRQPVDAVKLGLPDYHKIIKQPMDMGTIKRRLENNYYWAASECMQDFNTMFTNC
YIYNKPTDDIVLMAQTLEKIFLQKVASMPQEEQELVVTIPKN
;
_entity_poly.pdbx_strand_id   A,B,C
#
loop_
_chem_comp.id
_chem_comp.type
_chem_comp.name
_chem_comp.formula
AC2 non-polymer 9-HYROXYETHOXYMETHYLGUANINE 'C8 H11 N5 O3'
DTT non-polymer 2,3-DIHYDROXY-1,4-DITHIOBUTANE 'C4 H10 O2 S2'
SO4 non-polymer 'SULFATE ION' 'O4 S -2'
#
# COMPACT_ATOMS: atom_id res chain seq x y z
N VAL A 3 -8.51 -13.73 -9.59
CA VAL A 3 -7.35 -13.05 -9.02
C VAL A 3 -7.64 -12.63 -7.58
N THR A 4 -6.59 -12.48 -6.78
CA THR A 4 -6.78 -12.23 -5.36
C THR A 4 -7.24 -10.79 -5.10
N ASN A 5 -8.10 -10.63 -4.10
CA ASN A 5 -8.48 -9.31 -3.62
C ASN A 5 -7.26 -8.44 -3.31
N GLN A 6 -6.23 -9.05 -2.70
CA GLN A 6 -5.06 -8.31 -2.26
C GLN A 6 -4.13 -8.00 -3.43
N LEU A 7 -3.97 -8.96 -4.34
CA LEU A 7 -3.19 -8.66 -5.53
C LEU A 7 -3.92 -7.66 -6.43
N GLN A 8 -5.24 -7.65 -6.39
CA GLN A 8 -5.98 -6.64 -7.12
C GLN A 8 -5.75 -5.27 -6.50
N TYR A 9 -5.76 -5.20 -5.17
CA TYR A 9 -5.39 -3.97 -4.50
C TYR A 9 -3.96 -3.55 -4.83
N LEU A 10 -3.03 -4.51 -4.82
CA LEU A 10 -1.65 -4.19 -5.14
C LEU A 10 -1.50 -3.70 -6.57
N HIS A 11 -2.33 -4.19 -7.48
CA HIS A 11 -2.20 -3.75 -8.86
C HIS A 11 -2.84 -2.37 -9.06
N LYS A 12 -4.08 -2.21 -8.62
CA LYS A 12 -4.85 -1.02 -8.96
C LYS A 12 -4.64 0.15 -8.01
N VAL A 13 -4.16 -0.06 -6.79
CA VAL A 13 -3.93 1.03 -5.86
C VAL A 13 -2.44 1.27 -5.64
N VAL A 14 -1.68 0.21 -5.37
CA VAL A 14 -0.26 0.40 -5.07
C VAL A 14 0.53 0.64 -6.34
N MET A 15 0.45 -0.27 -7.31
CA MET A 15 1.27 -0.12 -8.50
C MET A 15 0.80 1.07 -9.34
N LYS A 16 -0.50 1.31 -9.41
CA LYS A 16 -0.99 2.50 -10.09
C LYS A 16 -0.35 3.76 -9.51
N ALA A 17 -0.34 3.88 -8.18
CA ALA A 17 0.25 5.07 -7.58
C ALA A 17 1.74 5.16 -7.88
N LEU A 18 2.47 4.06 -7.63
CA LEU A 18 3.92 4.13 -7.69
C LEU A 18 4.44 4.24 -9.12
N TRP A 19 3.71 3.68 -10.09
CA TRP A 19 4.25 3.62 -11.45
C TRP A 19 4.29 4.99 -12.11
N LYS A 20 3.26 5.82 -11.91
CA LYS A 20 3.19 7.14 -12.53
C LYS A 20 3.82 8.23 -11.67
N HIS A 21 4.47 7.85 -10.57
CA HIS A 21 5.04 8.85 -9.67
C HIS A 21 6.27 9.50 -10.31
N GLN A 22 6.45 10.80 -10.06
CA GLN A 22 7.56 11.54 -10.66
C GLN A 22 8.94 11.04 -10.21
N PHE A 23 9.01 10.28 -9.11
CA PHE A 23 10.27 9.67 -8.69
C PHE A 23 10.42 8.23 -9.17
N ALA A 24 9.49 7.73 -9.98
CA ALA A 24 9.47 6.31 -10.27
C ALA A 24 10.49 5.90 -11.32
N TRP A 25 10.94 6.82 -12.16
CA TRP A 25 11.66 6.42 -13.37
C TRP A 25 12.91 5.59 -13.08
N PRO A 26 13.74 5.87 -12.08
CA PRO A 26 14.91 5.00 -11.86
C PRO A 26 14.55 3.56 -11.51
N PHE A 27 13.30 3.26 -11.19
CA PHE A 27 12.89 1.95 -10.74
C PHE A 27 12.00 1.24 -11.76
N ARG A 28 11.73 1.88 -12.90
CA ARG A 28 10.76 1.32 -13.84
C ARG A 28 11.32 0.19 -14.68
N GLN A 29 12.62 -0.07 -14.59
CA GLN A 29 13.28 -1.11 -15.36
C GLN A 29 14.45 -1.61 -14.54
N PRO A 30 14.95 -2.81 -14.82
CA PRO A 30 16.13 -3.32 -14.09
C PRO A 30 17.29 -2.34 -14.14
N VAL A 31 18.00 -2.23 -13.02
CA VAL A 31 19.27 -1.53 -13.00
C VAL A 31 20.12 -2.09 -14.14
N ASP A 32 20.59 -1.23 -15.04
CA ASP A 32 21.48 -1.66 -16.13
C ASP A 32 22.88 -1.23 -15.70
N ALA A 33 23.63 -2.19 -15.17
CA ALA A 33 24.92 -1.89 -14.55
C ALA A 33 25.89 -1.27 -15.55
N VAL A 34 25.82 -1.65 -16.82
CA VAL A 34 26.71 -1.10 -17.84
C VAL A 34 26.27 0.31 -18.22
N LYS A 35 24.97 0.51 -18.46
CA LYS A 35 24.47 1.85 -18.82
C LYS A 35 24.73 2.86 -17.73
N LEU A 36 24.63 2.44 -16.47
CA LEU A 36 24.80 3.35 -15.33
C LEU A 36 26.23 3.40 -14.82
N GLY A 37 27.11 2.56 -15.32
CA GLY A 37 28.49 2.53 -14.86
C GLY A 37 28.68 1.97 -13.45
N LEU A 38 28.06 0.83 -13.14
CA LEU A 38 28.14 0.22 -11.82
C LEU A 38 28.69 -1.19 -11.95
N PRO A 39 30.01 -1.35 -12.06
CA PRO A 39 30.58 -2.69 -12.27
C PRO A 39 30.57 -3.58 -11.04
N ASP A 40 30.19 -3.04 -9.89
CA ASP A 40 30.04 -3.82 -8.68
C ASP A 40 28.57 -4.06 -8.33
N TYR A 41 27.62 -3.53 -9.11
CA TYR A 41 26.22 -3.62 -8.70
C TYR A 41 25.81 -5.08 -8.50
N HIS A 42 26.08 -5.92 -9.47
CA HIS A 42 25.66 -7.30 -9.28
C HIS A 42 26.60 -8.11 -8.40
N LYS A 43 27.69 -7.51 -7.91
CA LYS A 43 28.45 -8.09 -6.81
C LYS A 43 27.66 -7.96 -5.50
N ILE A 44 27.07 -6.80 -5.31
CA ILE A 44 26.51 -6.41 -4.03
C ILE A 44 25.05 -6.79 -3.94
N ILE A 45 24.31 -6.59 -5.04
CA ILE A 45 22.89 -6.85 -5.11
C ILE A 45 22.71 -8.17 -5.86
N LYS A 46 22.29 -9.21 -5.14
CA LYS A 46 22.20 -10.54 -5.72
C LYS A 46 20.82 -10.87 -6.26
N GLN A 47 19.82 -10.06 -5.91
CA GLN A 47 18.43 -10.27 -6.28
C GLN A 47 17.88 -8.96 -6.81
N PRO A 48 18.25 -8.56 -8.03
CA PRO A 48 17.77 -7.28 -8.56
C PRO A 48 16.25 -7.28 -8.71
N MET A 49 15.63 -6.14 -8.46
CA MET A 49 14.19 -6.04 -8.57
C MET A 49 13.82 -4.63 -9.01
N ASP A 50 12.71 -4.49 -9.72
CA ASP A 50 12.30 -3.22 -10.31
C ASP A 50 10.80 -3.26 -10.58
N MET A 51 10.21 -2.09 -10.76
CA MET A 51 8.76 -2.03 -10.90
C MET A 51 8.28 -2.59 -12.23
N GLY A 52 9.11 -2.54 -13.27
CA GLY A 52 8.72 -3.14 -14.53
C GLY A 52 8.41 -4.61 -14.36
N THR A 53 9.29 -5.33 -13.67
CA THR A 53 9.11 -6.74 -13.42
C THR A 53 7.89 -7.00 -12.55
N ILE A 54 7.71 -6.24 -11.46
CA ILE A 54 6.53 -6.41 -10.62
C ILE A 54 5.25 -6.13 -11.42
N LYS A 55 5.27 -5.06 -12.22
CA LYS A 55 4.07 -4.65 -12.93
C LYS A 55 3.62 -5.74 -13.90
N ARG A 56 4.56 -6.27 -14.69
CA ARG A 56 4.22 -7.38 -15.56
C ARG A 56 3.78 -8.60 -14.75
N ARG A 57 4.45 -8.86 -13.61
CA ARG A 57 4.09 -10.01 -12.78
C ARG A 57 2.66 -9.89 -12.23
N LEU A 58 2.20 -8.66 -11.98
CA LEU A 58 0.80 -8.47 -11.62
C LEU A 58 -0.12 -8.63 -12.82
N GLU A 59 0.34 -8.23 -14.01
CA GLU A 59 -0.50 -8.39 -15.20
C GLU A 59 -0.63 -9.85 -15.62
N ASN A 60 0.36 -10.68 -15.30
CA ASN A 60 0.39 -12.08 -15.71
C ASN A 60 0.04 -13.03 -14.57
N ASN A 61 -0.55 -12.52 -13.49
CA ASN A 61 -0.97 -13.32 -12.33
C ASN A 61 0.13 -14.27 -11.87
N TYR A 62 1.38 -13.84 -12.03
CA TYR A 62 2.52 -14.68 -11.66
C TYR A 62 2.55 -14.92 -10.16
N TYR A 63 2.02 -13.99 -9.39
CA TYR A 63 2.04 -14.10 -7.94
C TYR A 63 0.95 -15.04 -7.45
N TRP A 64 1.28 -15.88 -6.46
CA TRP A 64 0.25 -16.68 -5.79
C TRP A 64 -0.35 -15.94 -4.59
N ALA A 65 0.49 -15.33 -3.75
CA ALA A 65 0.01 -14.56 -2.61
C ALA A 65 0.49 -13.12 -2.71
N ALA A 66 -0.31 -12.22 -2.12
CA ALA A 66 0.07 -10.82 -2.08
C ALA A 66 1.41 -10.62 -1.38
N SER A 67 1.68 -11.41 -0.33
CA SER A 67 2.91 -11.24 0.42
C SER A 67 4.14 -11.35 -0.46
N GLU A 68 4.03 -12.03 -1.58
CA GLU A 68 5.19 -12.23 -2.43
C GLU A 68 5.34 -11.07 -3.43
N CYS A 69 4.24 -10.41 -3.80
CA CYS A 69 4.35 -9.13 -4.47
C CYS A 69 4.99 -8.10 -3.55
N MET A 70 4.52 -8.07 -2.30
CA MET A 70 5.07 -7.16 -1.29
C MET A 70 6.57 -7.33 -1.11
N GLN A 71 7.06 -8.58 -1.14
CA GLN A 71 8.50 -8.79 -0.95
C GLN A 71 9.30 -8.27 -2.14
N ASP A 72 8.77 -8.37 -3.36
CA ASP A 72 9.46 -7.80 -4.51
C ASP A 72 9.60 -6.28 -4.36
N PHE A 73 8.49 -5.61 -4.03
CA PHE A 73 8.56 -4.19 -3.72
C PHE A 73 9.61 -3.90 -2.67
N ASN A 74 9.60 -4.69 -1.58
CA ASN A 74 10.56 -4.48 -0.50
C ASN A 74 12.00 -4.75 -0.94
N THR A 75 12.23 -5.82 -1.69
CA THR A 75 13.56 -6.08 -2.22
C THR A 75 14.05 -4.94 -3.10
N MET A 76 13.16 -4.41 -3.96
CA MET A 76 13.55 -3.29 -4.81
C MET A 76 14.07 -2.13 -3.98
N PHE A 77 13.29 -1.70 -2.98
CA PHE A 77 13.72 -0.55 -2.19
C PHE A 77 14.96 -0.88 -1.39
N THR A 78 15.02 -2.09 -0.82
CA THR A 78 16.17 -2.47 0.00
C THR A 78 17.44 -2.53 -0.83
N ASN A 79 17.35 -3.06 -2.05
CA ASN A 79 18.50 -3.02 -2.95
C ASN A 79 19.07 -1.61 -3.02
N CYS A 80 18.18 -0.62 -3.15
CA CYS A 80 18.61 0.75 -3.35
C CYS A 80 19.34 1.29 -2.13
N TYR A 81 18.82 1.02 -0.93
CA TYR A 81 19.46 1.55 0.28
C TYR A 81 20.80 0.88 0.54
N ILE A 82 20.90 -0.42 0.23
CA ILE A 82 22.13 -1.16 0.48
C ILE A 82 23.23 -0.72 -0.49
N TYR A 83 22.90 -0.62 -1.77
CA TYR A 83 23.94 -0.37 -2.74
C TYR A 83 24.38 1.09 -2.75
N ASN A 84 23.43 2.02 -2.82
CA ASN A 84 23.78 3.43 -3.05
C ASN A 84 24.32 4.08 -1.78
N LYS A 85 24.97 5.22 -1.98
CA LYS A 85 25.51 6.00 -0.87
C LYS A 85 24.36 6.66 -0.11
N PRO A 86 24.49 6.80 1.20
CA PRO A 86 23.45 7.48 1.99
C PRO A 86 22.97 8.80 1.40
N THR A 87 23.86 9.55 0.74
CA THR A 87 23.55 10.91 0.27
C THR A 87 23.08 10.98 -1.17
N ASP A 88 23.00 9.86 -1.88
CA ASP A 88 22.52 9.86 -3.25
C ASP A 88 21.05 10.22 -3.31
N ASP A 89 20.68 11.06 -4.29
CA ASP A 89 19.28 11.42 -4.43
C ASP A 89 18.40 10.19 -4.64
N ILE A 90 18.91 9.14 -5.31
CA ILE A 90 18.11 7.94 -5.54
C ILE A 90 17.58 7.37 -4.21
N VAL A 91 18.36 7.46 -3.15
CA VAL A 91 17.91 6.95 -1.87
C VAL A 91 16.68 7.71 -1.40
N LEU A 92 16.67 9.02 -1.56
CA LEU A 92 15.49 9.70 -1.07
C LEU A 92 14.32 9.53 -2.02
N MET A 93 14.58 9.22 -3.29
CA MET A 93 13.48 8.85 -4.18
C MET A 93 12.86 7.52 -3.76
N ALA A 94 13.69 6.54 -3.45
CA ALA A 94 13.17 5.27 -2.96
C ALA A 94 12.43 5.44 -1.64
N GLN A 95 12.97 6.24 -0.72
CA GLN A 95 12.27 6.46 0.54
C GLN A 95 10.88 7.04 0.30
N THR A 96 10.78 8.02 -0.61
CA THR A 96 9.48 8.63 -0.91
C THR A 96 8.51 7.62 -1.50
N LEU A 97 9.00 6.79 -2.43
CA LEU A 97 8.13 5.78 -3.02
C LEU A 97 7.76 4.72 -1.99
N GLU A 98 8.71 4.33 -1.15
CA GLU A 98 8.42 3.32 -0.14
C GLU A 98 7.40 3.81 0.87
N LYS A 99 7.42 5.10 1.24
CA LYS A 99 6.41 5.58 2.18
C LYS A 99 5.02 5.43 1.61
N ILE A 100 4.85 5.72 0.31
CA ILE A 100 3.56 5.56 -0.34
C ILE A 100 3.15 4.09 -0.36
N PHE A 101 4.08 3.21 -0.72
CA PHE A 101 3.80 1.78 -0.71
C PHE A 101 3.30 1.34 0.65
N LEU A 102 3.95 1.81 1.71
CA LEU A 102 3.59 1.42 3.07
C LEU A 102 2.23 1.96 3.45
N GLN A 103 1.97 3.25 3.18
CA GLN A 103 0.69 3.78 3.60
C GLN A 103 -0.45 3.23 2.75
N LYS A 104 -0.19 2.83 1.50
CA LYS A 104 -1.24 2.12 0.78
C LYS A 104 -1.46 0.74 1.39
N VAL A 105 -0.37 0.04 1.73
CA VAL A 105 -0.49 -1.33 2.22
C VAL A 105 -1.26 -1.37 3.52
N ALA A 106 -1.20 -0.29 4.33
CA ALA A 106 -1.95 -0.18 5.57
C ALA A 106 -3.47 -0.27 5.35
N SER A 107 -3.92 -0.11 4.11
CA SER A 107 -5.34 -0.15 3.75
C SER A 107 -5.71 -1.36 2.91
N MET A 108 -4.76 -2.26 2.70
CA MET A 108 -5.01 -3.45 1.91
C MET A 108 -5.94 -4.41 2.67
N PRO A 109 -6.83 -5.11 1.96
CA PRO A 109 -7.70 -6.10 2.61
C PRO A 109 -6.90 -7.20 3.31
N GLN A 110 -7.61 -8.00 4.10
CA GLN A 110 -7.04 -9.25 4.59
C GLN A 110 -7.43 -10.40 3.67
N GLU A 111 -7.00 -11.60 4.04
CA GLU A 111 -7.56 -12.85 3.51
C GLU A 111 -7.10 -13.14 2.08
N GLU A 112 -7.96 -13.72 1.27
CA GLU A 112 -7.57 -14.20 -0.05
C GLU A 112 -8.83 -14.43 -0.88
N GLN A 113 -8.63 -14.85 -2.13
CA GLN A 113 -9.70 -15.04 -3.10
C GLN A 113 -9.12 -15.76 -4.32
N GLU A 114 -10.00 -16.09 -5.27
CA GLU A 114 -9.62 -16.81 -6.49
C GLU A 114 -8.78 -18.06 -6.23
N THR B 4 -6.97 2.13 18.40
CA THR B 4 -7.58 1.54 17.21
C THR B 4 -7.29 0.04 17.07
N ASN B 5 -8.11 -0.63 16.26
CA ASN B 5 -7.94 -2.07 16.05
C ASN B 5 -6.62 -2.39 15.37
N GLN B 6 -6.20 -1.55 14.42
CA GLN B 6 -4.98 -1.82 13.67
C GLN B 6 -3.74 -1.61 14.53
N LEU B 7 -3.76 -0.56 15.35
CA LEU B 7 -2.63 -0.31 16.24
C LEU B 7 -2.48 -1.45 17.23
N GLN B 8 -3.61 -1.98 17.71
CA GLN B 8 -3.56 -3.09 18.64
C GLN B 8 -2.95 -4.32 17.98
N TYR B 9 -3.37 -4.59 16.74
CA TYR B 9 -2.78 -5.68 15.98
C TYR B 9 -1.27 -5.46 15.79
N LEU B 10 -0.84 -4.22 15.49
CA LEU B 10 0.59 -3.96 15.35
C LEU B 10 1.32 -4.13 16.68
N HIS B 11 0.65 -3.80 17.79
CA HIS B 11 1.22 -4.02 19.11
C HIS B 11 1.31 -5.51 19.45
N LYS B 12 0.17 -6.21 19.37
CA LYS B 12 0.02 -7.54 19.93
C LYS B 12 0.25 -8.70 18.96
N VAL B 13 0.34 -8.43 17.66
CA VAL B 13 0.65 -9.47 16.68
C VAL B 13 1.98 -9.20 16.01
N VAL B 14 2.12 -8.05 15.35
CA VAL B 14 3.34 -7.74 14.61
C VAL B 14 4.51 -7.54 15.59
N MET B 15 4.40 -6.54 16.48
CA MET B 15 5.52 -6.26 17.38
C MET B 15 5.84 -7.46 18.26
N LYS B 16 4.80 -8.23 18.63
CA LYS B 16 4.92 -9.49 19.34
C LYS B 16 5.95 -10.41 18.71
N ALA B 17 5.68 -10.81 17.46
CA ALA B 17 6.51 -11.75 16.75
C ALA B 17 7.93 -11.23 16.58
N LEU B 18 8.08 -9.98 16.17
CA LEU B 18 9.41 -9.44 15.91
C LEU B 18 10.24 -9.31 17.17
N TRP B 19 9.61 -9.01 18.31
CA TRP B 19 10.36 -8.77 19.54
C TRP B 19 11.12 -10.01 20.00
N LYS B 20 10.45 -11.16 19.97
CA LYS B 20 10.94 -12.47 20.41
C LYS B 20 11.93 -13.10 19.43
N HIS B 21 12.05 -12.56 18.23
CA HIS B 21 12.82 -13.21 17.19
C HIS B 21 14.30 -13.23 17.56
N GLN B 22 14.98 -14.31 17.16
CA GLN B 22 16.39 -14.47 17.53
C GLN B 22 17.29 -13.42 16.89
N PHE B 23 16.82 -12.70 15.88
CA PHE B 23 17.64 -11.63 15.30
C PHE B 23 17.21 -10.24 15.80
N ALA B 24 16.28 -10.17 16.76
CA ALA B 24 15.71 -8.89 17.15
C ALA B 24 16.62 -8.08 18.06
N TRP B 25 17.58 -8.70 18.74
CA TRP B 25 18.27 -8.00 19.82
C TRP B 25 18.97 -6.70 19.38
N PRO B 26 19.49 -6.55 18.17
CA PRO B 26 20.09 -5.25 17.86
C PRO B 26 19.06 -4.15 17.70
N PHE B 27 17.78 -4.50 17.59
CA PHE B 27 16.72 -3.56 17.26
C PHE B 27 15.79 -3.21 18.42
N ARG B 28 15.96 -3.82 19.61
CA ARG B 28 15.00 -3.62 20.69
C ARG B 28 15.23 -2.31 21.46
N GLN B 29 16.29 -1.57 21.15
CA GLN B 29 16.63 -0.38 21.89
C GLN B 29 17.40 0.54 20.96
N PRO B 30 17.39 1.85 21.20
CA PRO B 30 18.08 2.76 20.29
C PRO B 30 19.53 2.35 20.11
N VAL B 31 20.04 2.56 18.89
CA VAL B 31 21.45 2.39 18.61
C VAL B 31 22.25 3.26 19.58
N ASP B 32 23.22 2.66 20.26
CA ASP B 32 24.13 3.36 21.16
C ASP B 32 25.43 3.55 20.40
N ALA B 33 25.58 4.71 19.75
CA ALA B 33 26.73 4.92 18.88
C ALA B 33 28.04 4.91 19.65
N VAL B 34 28.02 5.33 20.90
CA VAL B 34 29.27 5.40 21.65
C VAL B 34 29.63 4.03 22.21
N LYS B 35 28.64 3.25 22.66
CA LYS B 35 28.93 1.92 23.20
C LYS B 35 29.28 0.94 22.09
N LEU B 36 28.63 1.07 20.94
CA LEU B 36 28.85 0.20 19.79
C LEU B 36 30.03 0.65 18.94
N GLY B 37 30.68 1.77 19.30
CA GLY B 37 31.78 2.29 18.51
C GLY B 37 31.41 2.70 17.10
N LEU B 38 30.64 3.79 16.95
CA LEU B 38 30.16 4.24 15.65
C LEU B 38 30.02 5.76 15.66
N PRO B 39 31.13 6.50 15.68
CA PRO B 39 31.05 7.96 15.86
C PRO B 39 30.43 8.71 14.70
N ASP B 40 30.24 8.06 13.56
CA ASP B 40 29.58 8.67 12.41
C ASP B 40 28.11 8.29 12.30
N TYR B 41 27.58 7.52 13.25
CA TYR B 41 26.24 6.98 13.09
C TYR B 41 25.21 8.11 12.99
N HIS B 42 25.33 9.13 13.84
CA HIS B 42 24.36 10.20 13.84
C HIS B 42 24.65 11.27 12.80
N LYS B 43 25.84 11.28 12.22
CA LYS B 43 26.07 12.09 11.03
C LYS B 43 25.33 11.54 9.81
N ILE B 44 25.03 10.25 9.79
CA ILE B 44 24.47 9.59 8.62
C ILE B 44 23.00 9.26 8.82
N ILE B 45 22.62 8.78 9.98
CA ILE B 45 21.22 8.49 10.30
C ILE B 45 20.70 9.67 11.11
N LYS B 46 19.80 10.44 10.52
CA LYS B 46 19.20 11.61 11.17
C LYS B 46 17.89 11.31 11.88
N GLN B 47 17.29 10.15 11.62
CA GLN B 47 16.03 9.75 12.24
C GLN B 47 16.20 8.36 12.87
N PRO B 48 16.86 8.27 14.02
CA PRO B 48 17.03 6.97 14.66
C PRO B 48 15.67 6.39 15.08
N MET B 49 15.53 5.08 14.96
CA MET B 49 14.31 4.41 15.35
C MET B 49 14.63 2.96 15.70
N ASP B 50 13.75 2.36 16.49
CA ASP B 50 14.01 1.08 17.11
C ASP B 50 12.72 0.59 17.72
N MET B 51 12.60 -0.73 17.84
CA MET B 51 11.35 -1.33 18.29
C MET B 51 11.00 -0.98 19.74
N GLY B 52 11.99 -0.68 20.59
CA GLY B 52 11.66 -0.22 21.94
C GLY B 52 10.91 1.10 21.92
N THR B 53 11.41 2.06 21.15
CA THR B 53 10.68 3.31 20.96
C THR B 53 9.28 3.06 20.37
N ILE B 54 9.16 2.16 19.37
CA ILE B 54 7.86 1.89 18.76
C ILE B 54 6.92 1.22 19.76
N LYS B 55 7.46 0.31 20.56
CA LYS B 55 6.66 -0.38 21.57
C LYS B 55 6.13 0.61 22.61
N ARG B 56 6.99 1.49 23.11
CA ARG B 56 6.56 2.52 24.06
C ARG B 56 5.50 3.43 23.44
N ARG B 57 5.70 3.82 22.18
CA ARG B 57 4.73 4.70 21.55
C ARG B 57 3.38 4.01 21.39
N LEU B 58 3.38 2.70 21.23
CA LEU B 58 2.11 2.00 21.11
C LEU B 58 1.44 1.85 22.46
N GLU B 59 2.23 1.76 23.53
CA GLU B 59 1.69 1.64 24.88
C GLU B 59 1.17 2.97 25.39
N ASN B 60 1.73 4.08 24.92
CA ASN B 60 1.34 5.41 25.37
C ASN B 60 0.39 6.11 24.42
N ASN B 61 -0.17 5.42 23.42
CA ASN B 61 -1.15 5.98 22.50
C ASN B 61 -0.57 7.10 21.63
N TYR B 62 0.74 7.06 21.39
CA TYR B 62 1.39 8.12 20.61
C TYR B 62 0.88 8.18 19.18
N TYR B 63 0.58 7.03 18.59
CA TYR B 63 0.22 6.98 17.17
C TYR B 63 -1.24 7.32 16.96
N TRP B 64 -1.50 8.15 15.95
CA TRP B 64 -2.86 8.45 15.55
C TRP B 64 -3.40 7.48 14.49
N ALA B 65 -2.51 6.81 13.74
CA ALA B 65 -2.94 5.90 12.69
C ALA B 65 -1.91 4.79 12.49
N ALA B 66 -2.37 3.68 11.91
CA ALA B 66 -1.52 2.50 11.75
C ALA B 66 -0.34 2.79 10.85
N SER B 67 -0.62 3.43 9.70
CA SER B 67 0.42 3.74 8.73
C SER B 67 1.58 4.46 9.40
N GLU B 68 1.27 5.23 10.43
CA GLU B 68 2.30 6.05 11.04
C GLU B 68 3.19 5.20 11.95
N CYS B 69 2.66 4.15 12.59
CA CYS B 69 3.52 3.20 13.26
C CYS B 69 4.31 2.35 12.25
N MET B 70 3.66 1.94 11.17
CA MET B 70 4.36 1.23 10.10
C MET B 70 5.53 2.03 9.54
N GLN B 71 5.43 3.37 9.52
CA GLN B 71 6.52 4.18 8.97
C GLN B 71 7.75 4.10 9.86
N ASP B 72 7.52 4.08 11.18
CA ASP B 72 8.61 3.92 12.14
C ASP B 72 9.30 2.57 11.98
N PHE B 73 8.53 1.49 11.76
CA PHE B 73 9.17 0.20 11.50
C PHE B 73 10.07 0.32 10.27
N ASN B 74 9.57 0.97 9.23
CA ASN B 74 10.31 1.09 7.98
C ASN B 74 11.58 1.92 8.17
N THR B 75 11.45 3.09 8.78
CA THR B 75 12.62 3.90 9.09
C THR B 75 13.69 3.09 9.81
N MET B 76 13.31 2.29 10.81
CA MET B 76 14.28 1.49 11.57
C MET B 76 15.06 0.56 10.65
N PHE B 77 14.36 -0.15 9.76
CA PHE B 77 15.01 -1.09 8.84
C PHE B 77 15.87 -0.34 7.82
N THR B 78 15.31 0.70 7.20
CA THR B 78 16.04 1.50 6.22
C THR B 78 17.31 2.11 6.81
N ASN B 79 17.24 2.64 8.04
CA ASN B 79 18.44 3.13 8.71
C ASN B 79 19.54 2.08 8.70
N CYS B 80 19.17 0.85 9.07
CA CYS B 80 20.13 -0.22 9.10
C CYS B 80 20.75 -0.43 7.71
N TYR B 81 19.92 -0.50 6.67
CA TYR B 81 20.43 -0.71 5.32
C TYR B 81 21.31 0.44 4.87
N ILE B 82 20.95 1.68 5.21
CA ILE B 82 21.69 2.84 4.74
C ILE B 82 23.03 2.94 5.45
N TYR B 83 23.03 2.80 6.77
CA TYR B 83 24.28 3.02 7.52
C TYR B 83 25.30 1.88 7.31
N ASN B 84 24.89 0.62 7.46
CA ASN B 84 25.84 -0.49 7.53
C ASN B 84 26.38 -0.91 6.16
N LYS B 85 27.54 -1.55 6.17
CA LYS B 85 28.09 -2.15 4.96
C LYS B 85 27.18 -3.29 4.50
N PRO B 86 27.06 -3.49 3.18
CA PRO B 86 26.18 -4.55 2.65
C PRO B 86 26.42 -5.95 3.20
N THR B 87 27.63 -6.23 3.68
CA THR B 87 28.04 -7.57 4.11
C THR B 87 27.93 -7.78 5.61
N ASP B 88 27.60 -6.74 6.37
CA ASP B 88 27.41 -6.90 7.80
C ASP B 88 26.23 -7.80 8.04
N ASP B 89 26.37 -8.70 9.04
CA ASP B 89 25.29 -9.60 9.42
C ASP B 89 24.04 -8.86 9.85
N ILE B 90 24.17 -7.65 10.39
CA ILE B 90 22.99 -6.96 10.87
C ILE B 90 22.05 -6.64 9.70
N VAL B 91 22.59 -6.50 8.48
CA VAL B 91 21.73 -6.28 7.31
C VAL B 91 20.87 -7.52 7.04
N LEU B 92 21.46 -8.71 7.15
CA LEU B 92 20.69 -9.95 7.01
C LEU B 92 19.60 -10.05 8.08
N MET B 93 19.92 -9.61 9.29
CA MET B 93 18.99 -9.71 10.41
C MET B 93 17.80 -8.79 10.20
N ALA B 94 18.06 -7.56 9.75
CA ALA B 94 16.99 -6.61 9.43
C ALA B 94 16.10 -7.14 8.31
N GLN B 95 16.70 -7.67 7.24
CA GLN B 95 15.90 -8.22 6.13
C GLN B 95 14.98 -9.33 6.61
N THR B 96 15.51 -10.25 7.41
CA THR B 96 14.69 -11.32 7.95
C THR B 96 13.53 -10.77 8.76
N LEU B 97 13.82 -9.81 9.65
CA LEU B 97 12.76 -9.22 10.47
C LEU B 97 11.77 -8.47 9.61
N GLU B 98 12.27 -7.75 8.59
CA GLU B 98 11.39 -6.93 7.76
C GLU B 98 10.44 -7.79 6.95
N LYS B 99 10.90 -8.97 6.52
CA LYS B 99 10.04 -9.90 5.80
C LYS B 99 8.87 -10.35 6.67
N ILE B 100 9.14 -10.70 7.94
CA ILE B 100 8.07 -11.05 8.85
C ILE B 100 7.12 -9.87 9.04
N PHE B 101 7.69 -8.66 9.16
CA PHE B 101 6.88 -7.46 9.33
C PHE B 101 5.90 -7.30 8.17
N LEU B 102 6.39 -7.35 6.93
CA LEU B 102 5.51 -7.23 5.77
C LEU B 102 4.45 -8.33 5.75
N GLN B 103 4.84 -9.55 6.12
CA GLN B 103 3.88 -10.65 6.05
C GLN B 103 2.82 -10.50 7.12
N LYS B 104 3.20 -10.06 8.31
CA LYS B 104 2.23 -9.81 9.36
C LYS B 104 1.34 -8.62 9.04
N VAL B 105 1.91 -7.60 8.37
CA VAL B 105 1.13 -6.41 8.04
C VAL B 105 0.06 -6.73 6.99
N ALA B 106 0.33 -7.69 6.10
CA ALA B 106 -0.65 -8.02 5.07
C ALA B 106 -1.94 -8.59 5.65
N SER B 107 -1.90 -9.15 6.86
CA SER B 107 -3.08 -9.71 7.52
C SER B 107 -3.70 -8.75 8.54
N MET B 108 -3.38 -7.49 8.44
CA MET B 108 -3.92 -6.52 9.39
C MET B 108 -5.37 -6.18 9.03
N PRO B 109 -6.25 -6.09 10.04
CA PRO B 109 -7.60 -5.54 9.82
C PRO B 109 -7.58 -4.30 8.96
N GLN B 110 -8.43 -4.24 7.94
CA GLN B 110 -8.31 -3.15 6.97
C GLN B 110 -8.99 -1.86 7.43
N GLU B 111 -9.78 -1.91 8.51
CA GLU B 111 -10.66 -0.83 8.96
C GLU B 111 -9.93 0.37 9.56
N GLU B 112 -10.34 0.81 10.74
CA GLU B 112 -9.78 2.03 11.31
C GLU B 112 -9.90 2.06 12.84
N GLN B 113 -11.13 2.03 13.36
CA GLN B 113 -11.41 2.03 14.81
C GLN B 113 -10.85 3.25 15.55
N THR C 4 -28.42 20.80 -11.20
CA THR C 4 -27.46 21.81 -11.67
C THR C 4 -26.56 22.24 -10.50
N ASN C 5 -27.14 22.91 -9.50
CA ASN C 5 -26.49 22.96 -8.20
C ASN C 5 -26.61 21.63 -7.47
N GLN C 6 -27.65 20.85 -7.76
CA GLN C 6 -27.74 19.49 -7.25
C GLN C 6 -26.64 18.62 -7.83
N LEU C 7 -26.45 18.70 -9.15
CA LEU C 7 -25.38 17.95 -9.82
C LEU C 7 -24.01 18.42 -9.36
N GLN C 8 -23.85 19.73 -9.14
CA GLN C 8 -22.56 20.22 -8.65
C GLN C 8 -22.31 19.74 -7.23
N TYR C 9 -23.37 19.68 -6.43
CA TYR C 9 -23.27 19.07 -5.09
C TYR C 9 -22.90 17.59 -5.18
N LEU C 10 -23.52 16.86 -6.10
CA LEU C 10 -23.17 15.45 -6.25
C LEU C 10 -21.73 15.27 -6.71
N HIS C 11 -21.21 16.22 -7.51
CA HIS C 11 -19.83 16.20 -7.95
C HIS C 11 -18.87 16.70 -6.85
N LYS C 12 -19.10 17.92 -6.37
CA LYS C 12 -18.13 18.55 -5.46
C LYS C 12 -18.18 18.00 -4.05
N VAL C 13 -19.27 17.38 -3.63
CA VAL C 13 -19.39 16.87 -2.27
C VAL C 13 -19.51 15.35 -2.24
N VAL C 14 -20.47 14.79 -2.99
CA VAL C 14 -20.74 13.36 -2.90
C VAL C 14 -19.62 12.57 -3.55
N MET C 15 -19.36 12.83 -4.84
CA MET C 15 -18.31 12.08 -5.54
C MET C 15 -16.96 12.34 -4.92
N LYS C 16 -16.68 13.60 -4.58
CA LYS C 16 -15.39 13.94 -3.99
C LYS C 16 -15.10 13.08 -2.77
N ALA C 17 -16.12 12.83 -1.94
CA ALA C 17 -15.91 12.04 -0.74
C ALA C 17 -15.85 10.54 -1.04
N LEU C 18 -16.72 10.05 -1.92
CA LEU C 18 -16.73 8.62 -2.19
C LEU C 18 -15.49 8.17 -2.95
N TRP C 19 -14.90 9.05 -3.74
CA TRP C 19 -13.76 8.69 -4.57
C TRP C 19 -12.47 8.56 -3.75
N LYS C 20 -12.28 9.46 -2.78
CA LYS C 20 -11.09 9.40 -1.95
C LYS C 20 -11.20 8.41 -0.79
N HIS C 21 -12.39 7.83 -0.55
CA HIS C 21 -12.58 6.84 0.51
C HIS C 21 -11.75 5.58 0.25
N GLN C 22 -11.27 4.96 1.33
CA GLN C 22 -10.40 3.79 1.19
C GLN C 22 -11.11 2.62 0.52
N PHE C 23 -12.43 2.51 0.69
CA PHE C 23 -13.19 1.42 0.10
C PHE C 23 -13.54 1.63 -1.36
N ALA C 24 -13.10 2.73 -1.96
CA ALA C 24 -13.51 3.05 -3.32
C ALA C 24 -12.80 2.23 -4.40
N TRP C 25 -11.64 1.64 -4.08
CA TRP C 25 -10.81 1.10 -5.14
C TRP C 25 -11.43 -0.02 -5.99
N PRO C 26 -12.33 -0.88 -5.51
CA PRO C 26 -12.97 -1.84 -6.43
C PRO C 26 -14.00 -1.20 -7.34
N PHE C 27 -14.35 0.06 -7.09
CA PHE C 27 -15.39 0.74 -7.83
C PHE C 27 -14.87 1.89 -8.68
N ARG C 28 -13.57 2.16 -8.64
CA ARG C 28 -13.04 3.31 -9.37
C ARG C 28 -13.00 3.09 -10.88
N GLN C 29 -13.26 1.88 -11.36
CA GLN C 29 -13.16 1.55 -12.77
C GLN C 29 -14.07 0.37 -13.03
N PRO C 30 -14.53 0.18 -14.27
CA PRO C 30 -15.48 -0.91 -14.55
C PRO C 30 -14.92 -2.26 -14.16
N VAL C 31 -15.81 -3.13 -13.67
CA VAL C 31 -15.42 -4.52 -13.42
C VAL C 31 -14.81 -5.07 -14.71
N ASP C 32 -13.56 -5.52 -14.63
CA ASP C 32 -12.88 -6.14 -15.77
C ASP C 32 -13.07 -7.64 -15.65
N ALA C 33 -14.11 -8.18 -16.32
CA ALA C 33 -14.43 -9.59 -16.16
C ALA C 33 -13.29 -10.49 -16.62
N VAL C 34 -12.65 -10.14 -17.74
CA VAL C 34 -11.51 -10.91 -18.22
C VAL C 34 -10.36 -10.87 -17.21
N LYS C 35 -9.96 -9.66 -16.81
CA LYS C 35 -8.81 -9.48 -15.91
C LYS C 35 -9.05 -10.19 -14.58
N LEU C 36 -10.22 -9.99 -13.96
CA LEU C 36 -10.57 -10.67 -12.71
C LEU C 36 -11.06 -12.09 -12.92
N GLY C 37 -10.90 -12.67 -14.11
CA GLY C 37 -11.36 -14.02 -14.37
C GLY C 37 -12.73 -14.36 -13.82
N LEU C 38 -13.73 -13.48 -14.05
CA LEU C 38 -15.12 -13.70 -13.71
C LEU C 38 -15.96 -13.84 -14.98
N PRO C 39 -16.00 -15.03 -15.59
CA PRO C 39 -16.60 -15.18 -16.92
C PRO C 39 -18.12 -15.24 -16.94
N ASP C 40 -18.82 -15.16 -15.81
CA ASP C 40 -20.27 -15.06 -15.84
C ASP C 40 -20.78 -13.66 -15.46
N TYR C 41 -19.88 -12.71 -15.23
CA TYR C 41 -20.27 -11.40 -14.69
C TYR C 41 -21.32 -10.72 -15.57
N HIS C 42 -21.06 -10.62 -16.88
CA HIS C 42 -21.99 -9.96 -17.79
C HIS C 42 -23.20 -10.80 -18.14
N LYS C 43 -23.19 -12.11 -17.82
CA LYS C 43 -24.41 -12.91 -17.93
C LYS C 43 -25.40 -12.58 -16.81
N ILE C 44 -24.92 -12.12 -15.66
CA ILE C 44 -25.76 -11.86 -14.49
C ILE C 44 -26.05 -10.37 -14.34
N ILE C 45 -25.01 -9.54 -14.45
CA ILE C 45 -25.12 -8.10 -14.31
C ILE C 45 -25.29 -7.50 -15.70
N LYS C 46 -26.46 -6.90 -15.95
CA LYS C 46 -26.80 -6.41 -17.28
C LYS C 46 -26.46 -4.93 -17.49
N GLN C 47 -26.36 -4.13 -16.43
CA GLN C 47 -26.06 -2.70 -16.53
C GLN C 47 -24.87 -2.37 -15.65
N PRO C 48 -23.66 -2.66 -16.12
CA PRO C 48 -22.47 -2.34 -15.32
C PRO C 48 -22.37 -0.85 -15.07
N MET C 49 -21.80 -0.52 -13.90
CA MET C 49 -21.64 0.88 -13.51
C MET C 49 -20.49 0.93 -12.54
N ASP C 50 -19.79 2.05 -12.53
CA ASP C 50 -18.65 2.25 -11.64
C ASP C 50 -18.51 3.74 -11.38
N MET C 51 -17.72 4.07 -10.35
CA MET C 51 -17.50 5.46 -10.01
C MET C 51 -16.64 6.19 -11.05
N GLY C 52 -15.80 5.49 -11.80
CA GLY C 52 -15.02 6.15 -12.84
C GLY C 52 -15.92 6.72 -13.93
N THR C 53 -16.89 5.92 -14.40
CA THR C 53 -17.89 6.39 -15.35
C THR C 53 -18.70 7.56 -14.79
N ILE C 54 -19.20 7.41 -13.56
CA ILE C 54 -20.01 8.47 -12.96
C ILE C 54 -19.21 9.75 -12.84
N LYS C 55 -17.93 9.64 -12.45
CA LYS C 55 -17.08 10.81 -12.32
C LYS C 55 -16.82 11.46 -13.67
N ARG C 56 -16.52 10.67 -14.69
CA ARG C 56 -16.38 11.22 -16.04
C ARG C 56 -17.65 11.95 -16.45
N ARG C 57 -18.81 11.35 -16.17
CA ARG C 57 -20.10 11.92 -16.56
C ARG C 57 -20.38 13.22 -15.82
N LEU C 58 -19.97 13.31 -14.56
CA LEU C 58 -20.19 14.54 -13.80
C LEU C 58 -19.31 15.67 -14.33
N GLU C 59 -18.02 15.37 -14.54
CA GLU C 59 -17.09 16.37 -15.06
C GLU C 59 -17.54 16.88 -16.43
N ASN C 60 -18.02 15.98 -17.30
CA ASN C 60 -18.40 16.35 -18.66
C ASN C 60 -19.85 16.80 -18.79
N ASN C 61 -20.56 16.98 -17.66
CA ASN C 61 -21.93 17.49 -17.65
C ASN C 61 -22.93 16.56 -18.31
N TYR C 62 -22.58 15.28 -18.40
CA TYR C 62 -23.44 14.26 -19.00
C TYR C 62 -24.86 14.30 -18.42
N TYR C 63 -24.99 14.33 -17.09
CA TYR C 63 -26.29 14.10 -16.48
C TYR C 63 -27.27 15.22 -16.77
N TRP C 64 -28.52 14.83 -16.99
CA TRP C 64 -29.66 15.69 -17.22
C TRP C 64 -30.33 16.12 -15.91
N ALA C 65 -30.38 15.22 -14.93
CA ALA C 65 -30.98 15.52 -13.63
C ALA C 65 -30.19 14.77 -12.56
N ALA C 66 -30.20 15.33 -11.34
CA ALA C 66 -29.48 14.69 -10.24
C ALA C 66 -29.88 13.24 -10.10
N SER C 67 -31.15 12.93 -10.35
CA SER C 67 -31.65 11.59 -10.13
C SER C 67 -30.99 10.57 -11.04
N GLU C 68 -30.58 10.98 -12.25
CA GLU C 68 -29.86 10.08 -13.13
C GLU C 68 -28.54 9.66 -12.52
N CYS C 69 -27.81 10.62 -11.95
CA CYS C 69 -26.57 10.30 -11.26
C CYS C 69 -26.82 9.38 -10.07
N MET C 70 -27.81 9.70 -9.24
CA MET C 70 -28.13 8.85 -8.10
C MET C 70 -28.48 7.43 -8.52
N GLN C 71 -29.20 7.28 -9.65
CA GLN C 71 -29.49 5.94 -10.15
C GLN C 71 -28.19 5.19 -10.48
N ASP C 72 -27.23 5.87 -11.12
CA ASP C 72 -25.98 5.21 -11.48
C ASP C 72 -25.23 4.72 -10.25
N PHE C 73 -25.17 5.55 -9.21
CA PHE C 73 -24.56 5.12 -7.95
C PHE C 73 -25.27 3.88 -7.42
N ASN C 74 -26.60 3.90 -7.46
CA ASN C 74 -27.38 2.79 -6.94
C ASN C 74 -27.20 1.52 -7.75
N THR C 75 -27.18 1.65 -9.08
CA THR C 75 -26.96 0.50 -9.93
C THR C 75 -25.60 -0.11 -9.63
N MET C 76 -24.59 0.74 -9.45
CA MET C 76 -23.25 0.26 -9.11
C MET C 76 -23.28 -0.57 -7.84
N PHE C 77 -23.87 -0.03 -6.78
CA PHE C 77 -24.00 -0.77 -5.53
C PHE C 77 -24.85 -2.02 -5.72
N THR C 78 -25.98 -1.89 -6.41
CA THR C 78 -26.87 -3.04 -6.54
C THR C 78 -26.21 -4.17 -7.31
N ASN C 79 -25.51 -3.85 -8.41
CA ASN C 79 -24.78 -4.88 -9.16
C ASN C 79 -23.88 -5.69 -8.23
N CYS C 80 -23.15 -5.01 -7.36
CA CYS C 80 -22.21 -5.68 -6.48
C CYS C 80 -22.93 -6.60 -5.49
N TYR C 81 -24.07 -6.15 -4.95
CA TYR C 81 -24.84 -6.97 -4.02
C TYR C 81 -25.41 -8.20 -4.70
N ILE C 82 -25.90 -8.03 -5.92
CA ILE C 82 -26.52 -9.14 -6.64
C ILE C 82 -25.46 -10.17 -7.05
N TYR C 83 -24.32 -9.69 -7.55
CA TYR C 83 -23.31 -10.60 -8.09
C TYR C 83 -22.56 -11.33 -6.98
N ASN C 84 -22.10 -10.61 -5.97
CA ASN C 84 -21.09 -11.17 -5.11
C ASN C 84 -21.68 -12.09 -4.05
N LYS C 85 -20.81 -12.88 -3.41
CA LYS C 85 -21.22 -13.66 -2.26
C LYS C 85 -21.50 -12.75 -1.07
N PRO C 86 -22.47 -13.12 -0.21
CA PRO C 86 -22.80 -12.23 0.91
C PRO C 86 -21.64 -11.92 1.84
N THR C 87 -20.75 -12.89 2.07
CA THR C 87 -19.59 -12.68 2.94
C THR C 87 -18.40 -12.04 2.23
N ASP C 88 -18.44 -11.91 0.91
CA ASP C 88 -17.41 -11.20 0.18
C ASP C 88 -17.13 -9.85 0.83
N ASP C 89 -15.85 -9.56 1.08
CA ASP C 89 -15.51 -8.29 1.73
C ASP C 89 -15.94 -7.09 0.89
N ILE C 90 -16.01 -7.25 -0.44
CA ILE C 90 -16.43 -6.14 -1.28
C ILE C 90 -17.88 -5.76 -1.00
N VAL C 91 -18.69 -6.72 -0.55
CA VAL C 91 -20.09 -6.41 -0.24
C VAL C 91 -20.15 -5.48 0.97
N LEU C 92 -19.26 -5.68 1.94
CA LEU C 92 -19.22 -4.78 3.09
C LEU C 92 -18.67 -3.42 2.69
N MET C 93 -17.76 -3.37 1.74
CA MET C 93 -17.24 -2.09 1.29
C MET C 93 -18.33 -1.30 0.57
N ALA C 94 -19.03 -1.95 -0.34
CA ALA C 94 -20.21 -1.34 -0.96
C ALA C 94 -21.17 -0.79 0.10
N GLN C 95 -21.51 -1.60 1.11
CA GLN C 95 -22.46 -1.16 2.12
C GLN C 95 -21.99 0.12 2.79
N THR C 96 -20.71 0.16 3.16
CA THR C 96 -20.18 1.35 3.80
C THR C 96 -20.24 2.55 2.85
N LEU C 97 -19.81 2.38 1.61
CA LEU C 97 -19.89 3.49 0.66
C LEU C 97 -21.33 3.93 0.42
N GLU C 98 -22.25 2.97 0.30
CA GLU C 98 -23.63 3.31 -0.01
C GLU C 98 -24.27 4.13 1.11
N LYS C 99 -23.89 3.89 2.37
CA LYS C 99 -24.47 4.65 3.47
C LYS C 99 -23.98 6.10 3.45
N ILE C 100 -22.69 6.30 3.16
CA ILE C 100 -22.18 7.67 3.01
C ILE C 100 -22.89 8.38 1.86
N PHE C 101 -23.03 7.68 0.73
CA PHE C 101 -23.80 8.20 -0.41
C PHE C 101 -25.19 8.64 0.04
N LEU C 102 -25.95 7.77 0.69
CA LEU C 102 -27.29 8.15 1.11
C LEU C 102 -27.28 9.26 2.16
N GLN C 103 -26.29 9.27 3.04
CA GLN C 103 -26.12 10.40 3.96
C GLN C 103 -26.00 11.71 3.18
N LYS C 104 -25.05 11.75 2.24
CA LYS C 104 -24.79 13.00 1.53
C LYS C 104 -25.98 13.43 0.68
N VAL C 105 -26.70 12.46 0.10
CA VAL C 105 -27.87 12.79 -0.69
C VAL C 105 -28.94 13.48 0.15
N ALA C 106 -29.07 13.09 1.41
CA ALA C 106 -30.13 13.65 2.27
C ALA C 106 -29.96 15.15 2.46
N SER C 107 -28.72 15.62 2.45
CA SER C 107 -28.44 17.05 2.64
C SER C 107 -28.24 17.76 1.31
N MET C 108 -28.63 17.14 0.21
CA MET C 108 -28.52 17.73 -1.15
C MET C 108 -29.44 18.93 -1.24
N PRO C 109 -29.13 19.95 -2.07
CA PRO C 109 -29.93 21.18 -2.12
C PRO C 109 -31.34 21.32 -2.72
N GLN C 110 -31.75 20.52 -3.69
CA GLN C 110 -33.04 20.74 -4.42
C GLN C 110 -32.90 21.93 -5.38
C3' AC2 D . 19.71 0.74 -6.58
O3' AC2 D . 19.32 -0.66 -6.57
C2' AC2 D . 20.35 1.24 -7.85
O1' AC2 D . 20.03 2.63 -8.01
C1' AC2 D . 20.61 3.23 -9.16
N9 AC2 D . 19.63 3.37 -10.26
C8 AC2 D . 18.81 2.40 -10.70
N7 AC2 D . 18.16 2.72 -11.80
C5 AC2 D . 18.60 4.01 -12.11
C6 AC2 D . 18.27 4.87 -13.25
O6 AC2 D . 17.72 4.54 -14.31
N1 AC2 D . 18.76 6.16 -13.09
C2 AC2 D . 19.80 6.41 -12.29
N2 AC2 D . 20.63 7.41 -12.59
N3 AC2 D . 20.09 5.67 -11.17
C4 AC2 D . 19.48 4.44 -11.13
C3' AC2 E . 7.37 10.46 -15.62
C3' AC2 E . 7.32 10.66 -15.61
O3' AC2 E . 6.86 10.76 -16.90
O3' AC2 E . 7.78 11.61 -14.66
C2' AC2 E . 8.71 11.08 -15.40
C2' AC2 E . 8.29 10.52 -16.74
O1' AC2 E . 9.69 10.37 -16.15
O1' AC2 E . 9.57 10.22 -16.22
C1' AC2 E . 10.40 11.17 -17.06
C1' AC2 E . 10.63 10.51 -17.10
N9 AC2 E . 11.59 11.79 -16.46
N9 AC2 E . 11.70 11.29 -16.44
C8 AC2 E . 11.60 12.88 -15.66
C8 AC2 E . 11.53 12.33 -15.59
N7 AC2 E . 12.82 13.22 -15.27
N7 AC2 E . 12.67 12.84 -15.17
C5 AC2 E . 13.65 12.28 -15.86
C5 AC2 E . 13.64 12.06 -15.79
C6 AC2 E . 15.07 12.17 -15.81
C6 AC2 E . 15.07 12.14 -15.71
O6 AC2 E . 15.82 12.92 -15.18
O6 AC2 E . 15.68 12.98 -15.04
N1 AC2 E . 15.60 11.12 -16.56
N1 AC2 E . 15.76 11.20 -16.46
C2 AC2 E . 14.82 10.24 -17.21
C2 AC2 E . 15.13 10.27 -17.19
N2 AC2 E . 15.38 9.20 -17.82
N2 AC2 E . 15.85 9.37 -17.87
N3 AC2 E . 13.46 10.35 -17.30
N3 AC2 E . 13.76 10.17 -17.30
C4 AC2 E . 12.90 11.39 -16.61
C4 AC2 E . 13.05 11.10 -16.57
S1 DTT F . 29.40 -8.44 10.78
C1 DTT F . 28.57 -7.69 12.20
C2 DTT F . 27.10 -7.44 11.94
O2 DTT F . 26.95 -6.22 11.28
C3 DTT F . 26.24 -7.39 13.21
O3 DTT F . 26.10 -8.68 13.76
C4 DTT F . 26.78 -6.45 14.27
S4 DTT F . 25.46 -6.30 15.51
S SO4 G . -19.42 11.54 -21.31
O1 SO4 G . -18.20 11.80 -22.09
O2 SO4 G . -19.80 12.77 -20.65
O3 SO4 G . -19.12 10.51 -20.31
O4 SO4 G . -20.53 11.08 -22.17
#